data_5JE6
#
_entry.id   5JE6
#
_cell.length_a   152.992
_cell.length_b   56.424
_cell.length_c   60.831
_cell.angle_alpha   90.00
_cell.angle_beta   91.32
_cell.angle_gamma   90.00
#
_symmetry.space_group_name_H-M   'C 1 2 1'
#
loop_
_entity.id
_entity.type
_entity.pdbx_description
1 polymer 'Methyl transferase'
2 non-polymer 1,2-ETHANEDIOL
3 non-polymer GLYCEROL
4 water water
#
_entity_poly.entity_id   1
_entity_poly.type   'polypeptide(L)'
_entity_poly.pdbx_seq_one_letter_code
;GHMSTTARYDSIGGLFEDFTQSAAQRAIEVRTIFHMIGDVSGKSVLDLACGFGFFGREIYRRGAAKVVGVDISEKMIELA
REESRKYGDPLEFHVRDVANMEPLGQFDLVNAAWLFNYADSVENLRKMFKVVRASLKPDGKLVAYTVDPDFSLAKGNFAK
YGVNVLNERAWGPGYRHDAEFVTDPPSQFSFYRWSRADYESAIADAGFSHFEWQKPLLEADDIATHPPGFWDVFQNNCLQ
TGLVCKP
;
_entity_poly.pdbx_strand_id   A,B
#
# COMPACT_ATOMS: atom_id res chain seq x y z
N GLY A 14 15.97 -9.33 10.53
CA GLY A 14 16.08 -9.25 9.10
C GLY A 14 14.83 -8.71 8.45
N LEU A 15 14.05 -9.61 7.85
CA LEU A 15 12.89 -9.15 7.08
C LEU A 15 11.90 -8.37 7.92
N PHE A 16 11.63 -8.82 9.13
CA PHE A 16 10.62 -8.12 9.91
C PHE A 16 11.10 -6.72 10.31
N GLU A 17 12.37 -6.58 10.69
CA GLU A 17 12.92 -5.26 10.95
C GLU A 17 12.88 -4.38 9.71
N ASP A 18 13.27 -4.93 8.55
CA ASP A 18 13.33 -4.14 7.33
C ASP A 18 11.94 -3.63 6.95
N PHE A 19 10.95 -4.50 7.05
CA PHE A 19 9.63 -4.05 6.67
C PHE A 19 9.10 -3.08 7.70
N THR A 20 9.36 -3.36 8.97
CA THR A 20 8.79 -2.52 10.02
C THR A 20 9.35 -1.12 9.96
N GLN A 21 10.62 -0.99 9.59
CA GLN A 21 11.22 0.32 9.44
C GLN A 21 10.94 1.01 8.09
N SER A 22 10.34 0.34 7.09
CA SER A 22 10.12 0.99 5.80
C SER A 22 9.07 2.10 5.85
N ALA A 23 8.40 2.27 6.98
CA ALA A 23 7.35 3.30 7.10
C ALA A 23 7.36 3.73 8.54
N ALA A 24 7.51 5.04 8.77
CA ALA A 24 7.68 5.59 10.12
C ALA A 24 6.56 5.15 11.03
N GLN A 25 5.32 5.17 10.52
CA GLN A 25 4.18 4.80 11.36
C GLN A 25 4.14 3.30 11.67
N ARG A 26 4.60 2.43 10.73
CA ARG A 26 4.62 0.99 10.98
C ARG A 26 5.49 0.65 12.18
N ALA A 27 6.58 1.38 12.38
CA ALA A 27 7.43 1.09 13.53
C ALA A 27 6.71 1.38 14.84
N ILE A 28 5.94 2.47 14.89
CA ILE A 28 5.11 2.78 16.06
C ILE A 28 4.02 1.73 16.24
N GLU A 29 3.35 1.35 15.14
CA GLU A 29 2.33 0.32 15.23
C GLU A 29 2.87 -0.97 15.86
N VAL A 30 4.01 -1.44 15.34
CA VAL A 30 4.55 -2.72 15.79
C VAL A 30 4.97 -2.64 17.25
N ARG A 31 5.65 -1.55 17.62
CA ARG A 31 6.06 -1.37 19.00
C ARG A 31 4.85 -1.34 19.92
N THR A 32 3.74 -0.65 19.50
CA THR A 32 2.58 -0.60 20.37
C THR A 32 1.92 -1.97 20.48
N ILE A 33 1.82 -2.71 19.37
CA ILE A 33 1.18 -4.02 19.44
C ILE A 33 1.98 -4.96 20.33
N PHE A 34 3.32 -4.95 20.22
CA PHE A 34 4.09 -5.86 21.08
C PHE A 34 4.08 -5.40 22.54
N HIS A 35 3.93 -4.09 22.81
CA HIS A 35 3.74 -3.65 24.20
C HIS A 35 2.46 -4.24 24.78
N MET A 36 1.37 -4.20 24.00
CA MET A 36 0.11 -4.75 24.46
C MET A 36 0.20 -6.25 24.65
N ILE A 37 0.92 -6.93 23.76
CA ILE A 37 0.97 -8.39 23.81
C ILE A 37 1.81 -8.87 25.01
N GLY A 38 2.96 -8.24 25.21
CA GLY A 38 3.85 -8.65 26.30
C GLY A 38 4.63 -9.91 25.89
N ASP A 39 5.02 -10.66 26.90
CA ASP A 39 5.73 -11.94 26.72
C ASP A 39 4.79 -12.96 26.10
N VAL A 40 5.13 -13.48 24.92
CA VAL A 40 4.30 -14.46 24.26
C VAL A 40 4.90 -15.86 24.34
N SER A 41 5.99 -16.02 25.10
CA SER A 41 6.59 -17.33 25.25
C SER A 41 5.59 -18.40 25.63
N GLY A 42 5.53 -19.46 24.81
CA GLY A 42 4.73 -20.59 25.19
C GLY A 42 3.25 -20.42 24.95
N LYS A 43 2.81 -19.27 24.42
CA LYS A 43 1.38 -19.02 24.29
C LYS A 43 0.88 -19.48 22.94
N SER A 44 -0.41 -19.84 22.89
CA SER A 44 -1.07 -20.08 21.63
C SER A 44 -1.71 -18.78 21.15
N VAL A 45 -1.54 -18.47 19.88
CA VAL A 45 -1.95 -17.17 19.34
C VAL A 45 -2.81 -17.37 18.10
N LEU A 46 -3.94 -16.68 18.04
CA LEU A 46 -4.78 -16.66 16.86
C LEU A 46 -4.67 -15.23 16.29
N ASP A 47 -4.17 -15.10 15.07
CA ASP A 47 -4.00 -13.79 14.43
C ASP A 47 -5.13 -13.65 13.43
N LEU A 48 -6.14 -12.85 13.79
CA LEU A 48 -7.43 -12.86 13.07
C LEU A 48 -7.52 -12.06 11.79
N ALA A 49 -6.56 -11.23 11.47
CA ALA A 49 -6.58 -10.62 10.10
C ALA A 49 -5.11 -10.70 9.74
N CYS A 50 -4.70 -11.89 9.38
CA CYS A 50 -3.25 -12.21 9.36
C CYS A 50 -2.52 -11.76 8.11
N GLY A 51 -3.23 -11.27 7.11
CA GLY A 51 -2.53 -10.94 5.85
C GLY A 51 -1.80 -12.16 5.28
N PHE A 52 -0.52 -11.95 4.92
CA PHE A 52 0.34 -13.03 4.42
C PHE A 52 1.03 -13.77 5.55
N GLY A 53 0.75 -13.44 6.81
CA GLY A 53 1.34 -14.16 7.94
C GLY A 53 2.59 -13.53 8.48
N PHE A 54 3.01 -12.37 8.01
N PHE A 54 3.00 -12.38 7.93
CA PHE A 54 4.34 -12.02 8.49
CA PHE A 54 4.21 -11.66 8.33
C PHE A 54 4.35 -11.44 9.91
C PHE A 54 4.27 -11.46 9.85
N PHE A 55 3.25 -10.83 10.40
CA PHE A 55 3.24 -10.54 11.82
C PHE A 55 3.24 -11.83 12.63
N GLY A 56 2.45 -12.82 12.19
CA GLY A 56 2.39 -14.08 12.94
C GLY A 56 3.76 -14.76 12.99
N ARG A 57 4.51 -14.67 11.90
CA ARG A 57 5.87 -15.22 11.93
C ARG A 57 6.77 -14.55 12.95
N GLU A 58 6.57 -13.24 13.20
CA GLU A 58 7.37 -12.56 14.21
C GLU A 58 6.93 -12.97 15.61
N ILE A 59 5.61 -13.13 15.80
CA ILE A 59 5.12 -13.63 17.10
C ILE A 59 5.72 -15.01 17.38
N TYR A 60 5.73 -15.87 16.36
CA TYR A 60 6.37 -17.19 16.53
C TYR A 60 7.86 -17.03 16.87
N ARG A 61 8.57 -16.17 16.12
CA ARG A 61 9.98 -15.99 16.40
C ARG A 61 10.23 -15.56 17.84
N ARG A 62 9.33 -14.76 18.40
CA ARG A 62 9.42 -14.28 19.78
C ARG A 62 8.99 -15.31 20.84
N GLY A 63 8.58 -16.49 20.45
CA GLY A 63 8.51 -17.64 21.36
C GLY A 63 7.12 -18.26 21.47
N ALA A 64 6.14 -17.81 20.68
CA ALA A 64 4.79 -18.41 20.78
C ALA A 64 4.83 -19.91 20.51
N ALA A 65 3.95 -20.66 21.18
CA ALA A 65 3.98 -22.09 20.97
C ALA A 65 3.29 -22.49 19.69
N LYS A 66 2.24 -21.79 19.32
CA LYS A 66 1.42 -22.14 18.15
C LYS A 66 0.82 -20.85 17.64
N VAL A 67 0.83 -20.65 16.32
CA VAL A 67 0.29 -19.44 15.74
C VAL A 67 -0.59 -19.89 14.58
N VAL A 68 -1.85 -19.45 14.61
CA VAL A 68 -2.85 -19.74 13.59
C VAL A 68 -3.27 -18.41 13.03
N GLY A 69 -3.21 -18.23 11.70
CA GLY A 69 -3.67 -16.98 11.08
C GLY A 69 -4.95 -17.18 10.28
N VAL A 70 -5.82 -16.18 10.33
CA VAL A 70 -7.05 -16.17 9.57
C VAL A 70 -7.14 -14.87 8.76
N ASP A 71 -7.57 -15.01 7.51
N ASP A 71 -7.53 -14.99 7.50
CA ASP A 71 -7.88 -13.86 6.68
CA ASP A 71 -7.94 -13.82 6.74
C ASP A 71 -9.03 -14.20 5.73
C ASP A 71 -9.07 -14.19 5.79
N ILE A 72 -9.66 -13.14 5.22
CA ILE A 72 -10.81 -13.29 4.32
C ILE A 72 -10.42 -13.73 2.92
N SER A 73 -9.18 -13.42 2.49
CA SER A 73 -8.76 -13.56 1.10
C SER A 73 -8.18 -14.95 0.85
N GLU A 74 -8.78 -15.71 -0.07
CA GLU A 74 -8.24 -17.01 -0.46
C GLU A 74 -6.82 -16.87 -1.00
N LYS A 75 -6.64 -15.97 -1.96
N LYS A 75 -6.53 -15.78 -1.67
CA LYS A 75 -5.36 -15.91 -2.67
CA LYS A 75 -5.21 -15.67 -2.28
C LYS A 75 -4.25 -15.49 -1.72
C LYS A 75 -4.16 -15.30 -1.23
N MET A 76 -4.59 -14.68 -0.73
N MET A 76 -4.48 -14.36 -0.34
CA MET A 76 -3.57 -14.28 0.23
CA MET A 76 -3.51 -14.05 0.71
C MET A 76 -3.19 -15.41 1.21
C MET A 76 -3.20 -15.29 1.52
N ILE A 77 -4.19 -16.17 1.70
CA ILE A 77 -3.93 -17.33 2.55
C ILE A 77 -3.11 -18.37 1.77
N GLU A 78 -3.40 -18.56 0.48
CA GLU A 78 -2.56 -19.42 -0.36
C GLU A 78 -1.09 -18.95 -0.30
N LEU A 79 -0.88 -17.64 -0.47
CA LEU A 79 0.46 -17.09 -0.46
C LEU A 79 1.08 -17.18 0.93
N ALA A 80 0.26 -17.01 1.99
CA ALA A 80 0.76 -17.20 3.35
C ALA A 80 1.28 -18.62 3.56
N ARG A 81 0.52 -19.62 3.12
CA ARG A 81 0.97 -20.98 3.30
C ARG A 81 2.26 -21.23 2.53
N GLU A 82 2.39 -20.64 1.33
CA GLU A 82 3.62 -20.86 0.57
C GLU A 82 4.83 -20.21 1.27
N GLU A 83 4.63 -19.04 1.89
CA GLU A 83 5.73 -18.43 2.62
C GLU A 83 6.16 -19.31 3.79
N SER A 84 5.21 -19.89 4.51
CA SER A 84 5.61 -20.77 5.62
C SER A 84 6.34 -22.01 5.10
N ARG A 85 5.94 -22.55 3.96
N ARG A 85 5.95 -22.54 3.95
CA ARG A 85 6.67 -23.70 3.45
CA ARG A 85 6.67 -23.70 3.41
C ARG A 85 8.12 -23.33 3.13
C ARG A 85 8.12 -23.34 3.09
N LYS A 86 8.33 -22.15 2.54
CA LYS A 86 9.67 -21.72 2.20
C LYS A 86 10.52 -21.43 3.43
N TYR A 87 9.91 -20.87 4.48
CA TYR A 87 10.67 -20.58 5.69
C TYR A 87 10.78 -21.78 6.60
N GLY A 88 9.93 -22.77 6.43
CA GLY A 88 9.90 -23.88 7.36
C GLY A 88 9.26 -23.60 8.70
N ASP A 89 8.49 -22.52 8.80
CA ASP A 89 7.86 -22.24 10.07
C ASP A 89 6.56 -23.04 10.19
N PRO A 90 6.04 -23.17 11.41
CA PRO A 90 4.91 -24.09 11.64
C PRO A 90 3.55 -23.37 11.63
N LEU A 91 3.48 -22.14 11.10
CA LEU A 91 2.19 -21.45 11.14
C LEU A 91 1.15 -22.20 10.34
N GLU A 92 -0.10 -22.12 10.82
N GLU A 92 -0.08 -22.18 10.82
CA GLU A 92 -1.30 -22.71 10.21
CA GLU A 92 -1.22 -22.72 10.09
C GLU A 92 -2.23 -21.58 9.79
C GLU A 92 -2.13 -21.56 9.73
N PHE A 93 -2.82 -21.67 8.59
CA PHE A 93 -3.65 -20.60 8.10
C PHE A 93 -5.02 -21.11 7.70
N HIS A 94 -6.00 -20.18 7.76
CA HIS A 94 -7.35 -20.50 7.32
C HIS A 94 -7.99 -19.28 6.70
N VAL A 95 -8.75 -19.51 5.64
CA VAL A 95 -9.64 -18.49 5.12
C VAL A 95 -10.95 -18.55 5.91
N ARG A 96 -11.38 -17.43 6.47
CA ARG A 96 -12.70 -17.31 7.09
C ARG A 96 -13.22 -15.88 6.94
N ASP A 97 -14.55 -15.76 6.94
CA ASP A 97 -15.27 -14.50 7.20
C ASP A 97 -15.40 -14.46 8.72
N VAL A 98 -14.51 -13.71 9.40
CA VAL A 98 -14.34 -13.82 10.84
C VAL A 98 -15.64 -13.54 11.59
N ALA A 99 -16.42 -12.54 11.14
CA ALA A 99 -17.66 -12.23 11.82
C ALA A 99 -18.59 -13.44 11.93
N ASN A 100 -18.46 -14.42 11.01
CA ASN A 100 -19.38 -15.54 10.92
C ASN A 100 -18.70 -16.89 11.09
N MET A 101 -17.53 -16.90 11.66
CA MET A 101 -16.80 -18.16 11.76
C MET A 101 -17.14 -18.87 13.07
N GLU A 102 -17.07 -20.19 13.02
CA GLU A 102 -17.06 -21.02 14.22
C GLU A 102 -15.69 -20.98 14.88
N PRO A 103 -15.60 -21.32 16.16
CA PRO A 103 -14.28 -21.31 16.82
C PRO A 103 -13.30 -22.28 16.20
N LEU A 104 -12.04 -21.90 16.22
CA LEU A 104 -10.93 -22.73 15.75
C LEU A 104 -10.16 -23.37 16.89
N GLY A 105 -10.57 -23.10 18.12
CA GLY A 105 -9.78 -23.49 19.26
C GLY A 105 -9.81 -22.42 20.33
N GLN A 106 -9.24 -22.74 21.49
CA GLN A 106 -9.19 -21.88 22.66
C GLN A 106 -7.75 -21.40 22.84
N PHE A 107 -7.50 -20.11 22.58
CA PHE A 107 -6.15 -19.57 22.50
C PHE A 107 -5.85 -18.72 23.75
N ASP A 108 -4.54 -18.58 24.03
CA ASP A 108 -4.12 -17.66 25.08
C ASP A 108 -4.26 -16.22 24.63
N LEU A 109 -4.07 -15.98 23.33
CA LEU A 109 -4.03 -14.62 22.80
C LEU A 109 -4.72 -14.59 21.45
N VAL A 110 -5.59 -13.61 21.25
CA VAL A 110 -6.05 -13.27 19.91
C VAL A 110 -5.44 -11.93 19.54
N ASN A 111 -4.80 -11.85 18.38
CA ASN A 111 -4.30 -10.58 17.86
C ASN A 111 -5.20 -10.19 16.69
N ALA A 112 -5.63 -8.93 16.66
CA ALA A 112 -6.57 -8.47 15.61
C ALA A 112 -6.11 -7.07 15.17
N ALA A 113 -5.16 -7.03 14.26
CA ALA A 113 -4.69 -5.76 13.68
C ALA A 113 -5.45 -5.50 12.39
N TRP A 114 -6.17 -4.36 12.35
CA TRP A 114 -6.91 -3.97 11.14
C TRP A 114 -7.95 -5.03 10.78
N LEU A 115 -8.64 -5.53 11.81
CA LEU A 115 -9.84 -6.36 11.67
C LEU A 115 -11.13 -5.56 11.86
N PHE A 116 -11.23 -4.87 12.99
CA PHE A 116 -12.54 -4.35 13.39
C PHE A 116 -12.97 -3.17 12.52
N ASN A 117 -12.02 -2.43 11.96
CA ASN A 117 -12.42 -1.36 11.08
C ASN A 117 -12.86 -1.86 9.71
N TYR A 118 -12.81 -3.18 9.46
CA TYR A 118 -13.37 -3.69 8.23
C TYR A 118 -14.71 -4.35 8.48
N ALA A 119 -15.21 -4.32 9.71
CA ALA A 119 -16.62 -4.61 9.94
C ALA A 119 -17.47 -3.51 9.29
N ASP A 120 -18.35 -3.88 8.36
CA ASP A 120 -19.09 -2.86 7.61
C ASP A 120 -20.43 -2.50 8.23
N SER A 121 -20.67 -2.95 9.46
CA SER A 121 -21.86 -2.57 10.21
C SER A 121 -21.53 -2.81 11.67
N VAL A 122 -22.30 -2.15 12.55
CA VAL A 122 -22.06 -2.43 13.96
C VAL A 122 -22.50 -3.85 14.29
N GLU A 123 -23.49 -4.38 13.57
N GLU A 123 -23.46 -4.42 13.55
CA GLU A 123 -23.84 -5.78 13.78
CA GLU A 123 -23.81 -5.79 13.90
C GLU A 123 -22.62 -6.66 13.56
C GLU A 123 -22.74 -6.78 13.46
N ASN A 124 -21.88 -6.43 12.47
CA ASN A 124 -20.70 -7.26 12.20
C ASN A 124 -19.60 -7.02 13.23
N LEU A 125 -19.44 -5.77 13.70
CA LEU A 125 -18.49 -5.46 14.76
C LEU A 125 -18.79 -6.27 16.00
N ARG A 126 -20.06 -6.31 16.40
CA ARG A 126 -20.45 -7.06 17.59
C ARG A 126 -20.22 -8.55 17.41
N LYS A 127 -20.57 -9.09 16.22
CA LYS A 127 -20.28 -10.51 15.93
C LYS A 127 -18.78 -10.81 16.06
N MET A 128 -17.92 -9.94 15.54
CA MET A 128 -16.47 -10.20 15.59
C MET A 128 -15.99 -10.30 17.04
N PHE A 129 -16.47 -9.42 17.91
CA PHE A 129 -16.04 -9.47 19.31
C PHE A 129 -16.53 -10.78 19.95
N LYS A 130 -17.73 -11.24 19.58
CA LYS A 130 -18.21 -12.53 20.15
C LYS A 130 -17.39 -13.70 19.61
N VAL A 131 -17.00 -13.63 18.33
CA VAL A 131 -16.09 -14.66 17.79
C VAL A 131 -14.76 -14.66 18.55
N VAL A 132 -14.23 -13.47 18.85
CA VAL A 132 -12.96 -13.43 19.60
C VAL A 132 -13.15 -14.12 20.95
N ARG A 133 -14.22 -13.76 21.67
CA ARG A 133 -14.41 -14.39 22.98
C ARG A 133 -14.56 -15.91 22.86
N ALA A 134 -15.21 -16.38 21.80
CA ALA A 134 -15.44 -17.82 21.65
C ALA A 134 -14.15 -18.55 21.31
N SER A 135 -13.09 -17.79 21.03
CA SER A 135 -11.79 -18.32 20.68
C SER A 135 -10.76 -18.16 21.76
N LEU A 136 -11.14 -17.71 22.96
CA LEU A 136 -10.17 -17.35 23.99
C LEU A 136 -10.38 -18.20 25.24
N LYS A 137 -9.28 -18.65 25.81
CA LYS A 137 -9.27 -19.17 27.16
C LYS A 137 -9.78 -18.13 28.16
N PRO A 138 -10.32 -18.58 29.31
CA PRO A 138 -10.90 -17.62 30.26
C PRO A 138 -9.87 -16.69 30.84
N ASP A 139 -8.58 -17.04 30.79
CA ASP A 139 -7.51 -16.15 31.23
C ASP A 139 -6.73 -15.58 30.07
N GLY A 140 -7.28 -15.65 28.86
CA GLY A 140 -6.66 -15.09 27.65
C GLY A 140 -6.93 -13.60 27.48
N LYS A 141 -6.38 -13.04 26.43
CA LYS A 141 -6.63 -11.66 26.10
C LYS A 141 -6.68 -11.42 24.61
N LEU A 142 -7.37 -10.35 24.23
CA LEU A 142 -7.42 -9.81 22.87
C LEU A 142 -6.55 -8.58 22.80
N VAL A 143 -5.65 -8.52 21.81
CA VAL A 143 -4.89 -7.33 21.49
C VAL A 143 -5.34 -6.91 20.12
N ALA A 144 -5.77 -5.66 19.97
CA ALA A 144 -6.27 -5.19 18.68
C ALA A 144 -5.68 -3.84 18.30
N TYR A 145 -5.66 -3.58 17.00
CA TYR A 145 -5.23 -2.29 16.47
C TYR A 145 -6.31 -1.87 15.50
N THR A 146 -6.82 -0.66 15.69
CA THR A 146 -7.99 -0.28 14.89
C THR A 146 -7.98 1.25 14.71
N VAL A 147 -9.03 1.77 14.07
CA VAL A 147 -9.20 3.21 13.90
C VAL A 147 -9.66 3.83 15.21
N ASP A 148 -8.98 4.91 15.63
CA ASP A 148 -9.40 5.66 16.79
C ASP A 148 -10.76 6.32 16.50
N PRO A 149 -11.78 6.03 17.28
CA PRO A 149 -13.09 6.67 17.09
C PRO A 149 -13.01 8.17 17.01
N ASP A 150 -12.04 8.78 17.67
CA ASP A 150 -11.97 10.24 17.72
C ASP A 150 -11.32 10.87 16.51
N PHE A 151 -10.74 10.11 15.59
CA PHE A 151 -10.21 10.72 14.38
C PHE A 151 -11.29 11.52 13.66
N SER A 152 -10.93 12.70 13.16
CA SER A 152 -11.87 13.53 12.40
C SER A 152 -11.10 14.11 11.23
N LEU A 153 -11.58 13.86 10.01
CA LEU A 153 -10.82 14.28 8.83
C LEU A 153 -10.59 15.78 8.81
N ALA A 154 -11.58 16.55 9.29
CA ALA A 154 -11.43 18.01 9.33
C ALA A 154 -10.22 18.46 10.16
N LYS A 155 -9.76 17.62 11.10
CA LYS A 155 -8.67 18.00 11.98
C LYS A 155 -7.33 17.66 11.40
N GLY A 156 -7.28 17.10 10.20
CA GLY A 156 -5.98 16.82 9.61
C GLY A 156 -5.94 15.47 8.93
N ASN A 157 -5.44 15.48 7.70
CA ASN A 157 -5.28 14.27 6.94
C ASN A 157 -4.02 13.53 7.40
N PHE A 158 -3.91 12.28 7.03
CA PHE A 158 -2.78 11.41 7.47
C PHE A 158 -1.71 11.21 6.38
N ALA A 159 -1.68 12.07 5.37
CA ALA A 159 -0.79 11.85 4.23
C ALA A 159 0.68 11.86 4.62
N LYS A 160 1.08 12.66 5.64
CA LYS A 160 2.48 12.65 6.07
C LYS A 160 2.90 11.25 6.49
N TYR A 161 1.93 10.44 6.91
CA TYR A 161 2.17 9.15 7.52
C TYR A 161 1.71 8.06 6.57
N GLY A 162 1.61 8.42 5.31
CA GLY A 162 1.41 7.48 4.21
C GLY A 162 -0.03 7.09 3.90
N VAL A 163 -1.03 7.74 4.50
CA VAL A 163 -2.43 7.41 4.28
C VAL A 163 -3.16 8.71 3.91
N ASN A 164 -3.54 8.85 2.64
CA ASN A 164 -4.29 10.00 2.18
C ASN A 164 -5.77 9.66 2.31
N VAL A 165 -6.40 10.11 3.42
CA VAL A 165 -7.84 9.88 3.64
C VAL A 165 -8.64 10.83 2.76
N LEU A 166 -9.38 10.26 1.81
CA LEU A 166 -10.03 11.07 0.76
C LEU A 166 -11.34 11.66 1.22
N ASN A 167 -12.05 10.99 2.12
CA ASN A 167 -13.39 11.46 2.46
C ASN A 167 -13.78 10.89 3.80
N GLU A 168 -14.97 11.31 4.26
CA GLU A 168 -15.54 10.96 5.55
C GLU A 168 -17.02 11.10 5.37
N ARG A 169 -17.73 9.98 5.44
CA ARG A 169 -19.16 9.94 5.17
C ARG A 169 -19.87 9.37 6.39
N ALA A 170 -20.78 10.15 6.95
CA ALA A 170 -21.65 9.59 7.97
C ALA A 170 -22.28 8.31 7.45
N TRP A 171 -22.23 7.26 8.30
CA TRP A 171 -22.58 5.91 7.85
C TRP A 171 -23.34 5.22 8.98
N GLY A 172 -24.64 5.47 9.05
CA GLY A 172 -25.38 5.00 10.21
C GLY A 172 -24.74 5.59 11.46
N PRO A 173 -24.44 4.78 12.48
CA PRO A 173 -23.86 5.34 13.72
C PRO A 173 -22.36 5.54 13.69
N GLY A 174 -21.70 5.28 12.54
CA GLY A 174 -20.27 5.49 12.45
C GLY A 174 -19.96 6.32 11.20
N TYR A 175 -18.71 6.30 10.78
CA TYR A 175 -18.31 6.99 9.54
C TYR A 175 -17.54 6.02 8.65
N ARG A 176 -17.68 6.21 7.35
CA ARG A 176 -16.94 5.44 6.36
C ARG A 176 -15.91 6.32 5.68
N HIS A 177 -14.72 5.79 5.48
CA HIS A 177 -13.63 6.52 4.87
C HIS A 177 -13.07 5.75 3.69
N ASP A 178 -12.84 6.45 2.56
CA ASP A 178 -11.99 5.94 1.50
C ASP A 178 -10.59 6.54 1.62
N ALA A 179 -9.53 5.75 1.33
CA ALA A 179 -8.19 6.28 1.48
C ALA A 179 -7.29 5.78 0.37
N GLU A 180 -6.27 6.57 0.08
CA GLU A 180 -5.18 6.18 -0.81
C GLU A 180 -3.95 5.87 0.01
N PHE A 181 -3.35 4.70 -0.20
CA PHE A 181 -2.07 4.37 0.43
C PHE A 181 -0.93 4.74 -0.51
N VAL A 182 0.24 5.04 0.08
CA VAL A 182 1.44 5.38 -0.69
C VAL A 182 2.17 4.18 -1.28
N THR A 183 1.54 3.52 -2.22
CA THR A 183 2.07 2.34 -2.88
C THR A 183 2.31 2.64 -4.36
N ASP A 184 3.08 1.75 -5.00
CA ASP A 184 3.40 1.87 -6.44
C ASP A 184 2.85 0.69 -7.24
N PRO A 185 1.69 0.82 -7.90
CA PRO A 185 0.83 1.99 -8.09
C PRO A 185 -0.04 2.30 -6.89
N PRO A 186 -0.71 3.44 -6.91
CA PRO A 186 -1.60 3.79 -5.80
C PRO A 186 -2.63 2.71 -5.54
N SER A 187 -2.95 2.51 -4.28
CA SER A 187 -3.93 1.50 -3.94
C SER A 187 -4.99 2.13 -3.05
N GLN A 188 -6.18 1.53 -3.05
CA GLN A 188 -7.36 2.04 -2.35
C GLN A 188 -7.75 1.11 -1.20
N PHE A 189 -8.17 1.70 -0.08
CA PHE A 189 -8.70 0.96 1.06
C PHE A 189 -9.88 1.75 1.58
N SER A 190 -10.95 1.06 1.92
CA SER A 190 -12.13 1.72 2.46
C SER A 190 -12.45 1.07 3.78
N PHE A 191 -12.63 1.88 4.82
CA PHE A 191 -12.74 1.32 6.16
C PHE A 191 -13.76 2.11 6.97
N TYR A 192 -14.06 1.63 8.16
CA TYR A 192 -15.14 2.16 8.99
C TYR A 192 -14.59 2.62 10.32
N ARG A 193 -15.13 3.74 10.78
CA ARG A 193 -14.77 4.36 12.06
C ARG A 193 -16.04 4.30 12.93
N TRP A 194 -16.18 3.21 13.66
CA TRP A 194 -17.24 3.04 14.63
C TRP A 194 -16.89 3.77 15.91
N SER A 195 -17.94 4.17 16.64
CA SER A 195 -17.77 5.03 17.80
C SER A 195 -17.22 4.28 18.99
N ARG A 196 -16.66 5.03 19.94
CA ARG A 196 -16.20 4.40 21.18
C ARG A 196 -17.34 3.73 21.91
N ALA A 197 -18.52 4.36 21.97
CA ALA A 197 -19.68 3.72 22.59
C ALA A 197 -19.96 2.36 21.97
N ASP A 198 -19.95 2.28 20.65
CA ASP A 198 -20.33 1.05 20.00
C ASP A 198 -19.25 -0.02 20.18
N TYR A 199 -17.98 0.39 20.13
CA TYR A 199 -16.92 -0.59 20.50
C TYR A 199 -17.12 -1.10 21.90
N GLU A 200 -17.32 -0.19 22.86
CA GLU A 200 -17.39 -0.64 24.24
C GLU A 200 -18.62 -1.49 24.49
N SER A 201 -19.74 -1.18 23.82
CA SER A 201 -20.90 -2.04 23.87
C SER A 201 -20.59 -3.43 23.31
N ALA A 202 -19.91 -3.50 22.17
CA ALA A 202 -19.56 -4.79 21.60
C ALA A 202 -18.66 -5.56 22.54
N ILE A 203 -17.73 -4.84 23.17
CA ILE A 203 -16.78 -5.47 24.09
C ILE A 203 -17.52 -6.09 25.27
N ALA A 204 -18.39 -5.29 25.89
CA ALA A 204 -19.06 -5.78 27.08
C ALA A 204 -20.04 -6.90 26.73
N ASP A 205 -20.79 -6.75 25.66
CA ASP A 205 -21.77 -7.76 25.32
C ASP A 205 -21.12 -9.06 24.92
N ALA A 206 -19.87 -9.04 24.50
CA ALA A 206 -19.18 -10.28 24.14
C ALA A 206 -18.60 -10.99 25.36
N GLY A 207 -18.64 -10.34 26.52
CA GLY A 207 -18.15 -11.01 27.71
C GLY A 207 -16.79 -10.54 28.17
N PHE A 208 -16.28 -9.43 27.65
CA PHE A 208 -15.04 -8.86 28.13
C PHE A 208 -15.36 -7.84 29.20
N SER A 209 -15.17 -8.22 30.46
CA SER A 209 -15.43 -7.28 31.53
C SER A 209 -14.28 -6.29 31.76
N HIS A 210 -13.16 -6.44 31.04
CA HIS A 210 -12.02 -5.53 31.19
C HIS A 210 -11.57 -5.05 29.82
N PHE A 211 -11.33 -3.75 29.66
CA PHE A 211 -10.70 -3.29 28.43
C PHE A 211 -9.88 -2.04 28.74
N GLU A 212 -8.95 -1.73 27.83
CA GLU A 212 -8.28 -0.44 27.85
C GLU A 212 -7.88 -0.03 26.45
N TRP A 213 -8.07 1.23 26.14
CA TRP A 213 -7.57 1.78 24.90
C TRP A 213 -6.11 2.16 25.10
N GLN A 214 -5.31 1.97 24.07
CA GLN A 214 -3.88 2.13 24.16
C GLN A 214 -3.45 3.16 23.10
N LYS A 215 -2.89 4.26 23.55
CA LYS A 215 -2.41 5.24 22.60
C LYS A 215 -1.20 4.67 21.86
N PRO A 216 -1.04 4.98 20.57
CA PRO A 216 0.20 4.58 19.89
C PRO A 216 1.42 5.15 20.60
N LEU A 217 2.46 4.33 20.72
CA LEU A 217 3.65 4.67 21.49
C LEU A 217 4.65 5.47 20.63
N LEU A 218 4.31 6.75 20.34
CA LEU A 218 5.28 7.64 19.70
C LEU A 218 6.40 7.92 20.70
N GLU A 219 7.65 7.75 20.26
CA GLU A 219 8.79 7.83 21.18
C GLU A 219 9.83 8.85 20.71
N ALA A 220 10.77 9.11 21.61
CA ALA A 220 11.77 10.14 21.39
C ALA A 220 12.50 9.93 20.06
N ASP A 221 12.94 8.70 19.79
CA ASP A 221 13.67 8.43 18.56
C ASP A 221 12.81 8.65 17.31
N ASP A 222 11.49 8.37 17.38
CA ASP A 222 10.62 8.64 16.26
C ASP A 222 10.66 10.13 15.91
N ILE A 223 10.72 10.97 16.92
CA ILE A 223 10.59 12.41 16.71
C ILE A 223 11.91 12.99 16.20
N ALA A 224 13.03 12.43 16.65
CA ALA A 224 14.34 12.98 16.31
C ALA A 224 14.63 12.88 14.82
N THR A 225 14.11 11.84 14.16
CA THR A 225 14.46 11.50 12.78
C THR A 225 13.56 12.18 11.75
N HIS A 226 12.75 13.16 12.17
N HIS A 226 12.75 13.15 12.17
CA HIS A 226 11.82 13.84 11.28
CA HIS A 226 11.82 13.84 11.29
C HIS A 226 11.86 15.32 11.62
C HIS A 226 11.86 15.32 11.62
N PRO A 227 11.43 16.18 10.70
CA PRO A 227 11.55 17.62 10.91
C PRO A 227 10.53 18.16 11.89
N PRO A 228 10.70 19.42 12.30
CA PRO A 228 9.74 20.05 13.22
C PRO A 228 8.32 19.92 12.73
N GLY A 229 7.40 19.68 13.67
CA GLY A 229 5.99 19.61 13.39
C GLY A 229 5.53 18.34 12.73
N PHE A 230 6.43 17.41 12.40
CA PHE A 230 6.06 16.28 11.56
C PHE A 230 4.96 15.43 12.19
N TRP A 231 5.04 15.19 13.49
CA TRP A 231 4.11 14.28 14.15
C TRP A 231 2.91 15.02 14.76
N ASP A 232 2.72 16.30 14.46
CA ASP A 232 1.63 17.04 15.08
C ASP A 232 0.28 16.41 14.79
N VAL A 233 -0.02 16.11 13.51
CA VAL A 233 -1.36 15.59 13.27
C VAL A 233 -1.46 14.20 13.86
N PHE A 234 -0.35 13.45 13.84
CA PHE A 234 -0.37 12.12 14.45
C PHE A 234 -0.81 12.20 15.89
N GLN A 235 -0.32 13.22 16.61
CA GLN A 235 -0.66 13.35 18.03
C GLN A 235 -2.01 13.99 18.27
N ASN A 236 -2.33 15.05 17.53
CA ASN A 236 -3.59 15.76 17.74
C ASN A 236 -4.82 15.05 17.16
N ASN A 237 -4.65 14.16 16.16
CA ASN A 237 -5.77 13.62 15.41
C ASN A 237 -5.39 12.23 14.94
N CYS A 238 -5.03 11.35 15.86
CA CYS A 238 -4.46 10.09 15.45
C CYS A 238 -5.52 9.24 14.76
N LEU A 239 -5.11 8.57 13.68
CA LEU A 239 -6.04 7.69 13.00
C LEU A 239 -6.13 6.32 13.67
N GLN A 240 -5.10 5.91 14.39
N GLN A 240 -5.12 5.95 14.44
CA GLN A 240 -4.98 4.55 14.92
CA GLN A 240 -4.91 4.61 14.95
C GLN A 240 -5.07 4.56 16.44
C GLN A 240 -5.07 4.58 16.47
N THR A 241 -5.47 3.41 17.00
CA THR A 241 -5.46 3.18 18.44
C THR A 241 -5.24 1.68 18.67
N GLY A 242 -4.57 1.35 19.78
CA GLY A 242 -4.58 -0.02 20.24
C GLY A 242 -5.75 -0.25 21.19
N LEU A 243 -6.01 -1.53 21.49
CA LEU A 243 -7.11 -1.91 22.38
C LEU A 243 -6.80 -3.27 22.96
N VAL A 244 -6.97 -3.44 24.28
CA VAL A 244 -6.72 -4.73 24.93
C VAL A 244 -8.00 -5.06 25.68
N CYS A 245 -8.49 -6.29 25.55
CA CYS A 245 -9.70 -6.72 26.25
C CYS A 245 -9.45 -8.05 26.92
N LYS A 246 -10.02 -8.26 28.12
CA LYS A 246 -9.88 -9.54 28.79
C LYS A 246 -11.23 -9.91 29.35
N PRO A 247 -11.55 -11.21 29.44
CA PRO A 247 -12.82 -11.63 30.00
C PRO A 247 -13.00 -11.06 31.44
N GLY B 14 1.44 21.31 -0.55
CA GLY B 14 1.52 20.74 0.79
C GLY B 14 1.30 19.24 0.82
N LEU B 15 0.14 18.83 0.32
CA LEU B 15 -0.25 17.42 0.36
C LEU B 15 0.72 16.56 -0.45
N PHE B 16 1.08 17.07 -1.64
CA PHE B 16 1.95 16.25 -2.50
C PHE B 16 3.31 16.04 -1.86
N GLU B 17 3.86 17.11 -1.27
N GLU B 17 3.87 17.08 -1.23
CA GLU B 17 5.14 17.03 -0.57
CA GLU B 17 5.19 16.88 -0.64
C GLU B 17 5.06 16.02 0.55
C GLU B 17 5.10 16.00 0.60
N ASP B 18 4.03 16.15 1.38
CA ASP B 18 3.87 15.27 2.57
C ASP B 18 3.75 13.81 2.15
N PHE B 19 2.92 13.55 1.14
CA PHE B 19 2.72 12.17 0.75
C PHE B 19 3.98 11.63 0.09
N THR B 20 4.62 12.45 -0.73
CA THR B 20 5.84 12.00 -1.39
C THR B 20 6.91 11.64 -0.40
N GLN B 21 7.06 12.42 0.67
CA GLN B 21 8.09 12.10 1.64
C GLN B 21 7.71 10.98 2.61
N SER B 22 6.47 10.45 2.58
CA SER B 22 6.03 9.45 3.54
C SER B 22 6.61 8.07 3.25
N ALA B 23 7.25 7.89 2.10
CA ALA B 23 7.92 6.63 1.77
C ALA B 23 9.22 6.98 1.06
N ALA B 24 10.33 6.46 1.61
CA ALA B 24 11.65 6.81 1.06
C ALA B 24 11.73 6.59 -0.45
N GLN B 25 11.15 5.49 -0.93
CA GLN B 25 11.33 5.23 -2.36
C GLN B 25 10.46 6.17 -3.19
N ARG B 26 9.34 6.61 -2.63
CA ARG B 26 8.44 7.45 -3.42
C ARG B 26 9.12 8.77 -3.72
N ALA B 27 9.92 9.27 -2.77
CA ALA B 27 10.67 10.50 -3.01
C ALA B 27 11.65 10.36 -4.18
N ILE B 28 12.33 9.20 -4.28
CA ILE B 28 13.27 8.98 -5.38
C ILE B 28 12.50 8.85 -6.69
N GLU B 29 11.38 8.14 -6.66
CA GLU B 29 10.57 7.97 -7.86
C GLU B 29 10.11 9.31 -8.40
N VAL B 30 9.56 10.15 -7.51
CA VAL B 30 9.02 11.44 -7.95
C VAL B 30 10.14 12.30 -8.51
N ARG B 31 11.29 12.35 -7.82
CA ARG B 31 12.43 13.12 -8.33
C ARG B 31 12.85 12.63 -9.72
N THR B 32 12.91 11.32 -9.90
CA THR B 32 13.34 10.79 -11.18
C THR B 32 12.33 11.08 -12.27
N ILE B 33 11.04 10.93 -11.97
CA ILE B 33 10.01 11.21 -12.97
C ILE B 33 10.04 12.68 -13.37
N PHE B 34 10.14 13.61 -12.39
CA PHE B 34 10.18 15.02 -12.80
C PHE B 34 11.48 15.36 -13.56
N HIS B 35 12.61 14.68 -13.24
CA HIS B 35 13.80 14.89 -14.03
C HIS B 35 13.57 14.50 -15.49
N MET B 36 12.91 13.35 -15.73
CA MET B 36 12.62 12.91 -17.10
C MET B 36 11.65 13.85 -17.79
N ILE B 37 10.64 14.30 -17.07
CA ILE B 37 9.61 15.19 -17.65
C ILE B 37 10.21 16.55 -18.03
N GLY B 38 11.01 17.16 -17.14
CA GLY B 38 11.50 18.49 -17.44
C GLY B 38 10.41 19.53 -17.17
N ASP B 39 10.51 20.65 -17.89
CA ASP B 39 9.55 21.74 -17.78
C ASP B 39 8.23 21.37 -18.44
N VAL B 40 7.16 21.38 -17.67
CA VAL B 40 5.85 21.00 -18.18
C VAL B 40 4.98 22.22 -18.49
N SER B 41 5.53 23.42 -18.35
CA SER B 41 4.75 24.65 -18.55
C SER B 41 4.07 24.68 -19.93
N GLY B 42 2.76 24.84 -19.92
CA GLY B 42 2.04 24.99 -21.16
C GLY B 42 1.78 23.67 -21.90
N LYS B 43 2.26 22.56 -21.39
CA LYS B 43 2.10 21.31 -22.12
C LYS B 43 0.80 20.61 -21.80
N SER B 44 0.29 19.83 -22.77
CA SER B 44 -0.78 18.91 -22.48
C SER B 44 -0.20 17.55 -22.09
N VAL B 45 -0.79 16.95 -21.04
CA VAL B 45 -0.24 15.75 -20.43
C VAL B 45 -1.33 14.72 -20.33
N LEU B 46 -1.05 13.52 -20.79
CA LEU B 46 -1.91 12.36 -20.55
C LEU B 46 -1.20 11.41 -19.59
N ASP B 47 -1.82 11.20 -18.41
CA ASP B 47 -1.25 10.34 -17.36
C ASP B 47 -2.00 9.03 -17.47
N LEU B 48 -1.32 8.03 -18.04
CA LEU B 48 -1.97 6.79 -18.48
C LEU B 48 -2.18 5.77 -17.39
N ALA B 49 -1.64 5.97 -16.18
CA ALA B 49 -2.02 5.09 -15.07
C ALA B 49 -2.13 6.07 -13.90
N CYS B 50 -3.26 6.81 -13.86
CA CYS B 50 -3.32 8.01 -13.04
C CYS B 50 -3.67 7.79 -11.58
N GLY B 51 -4.03 6.58 -11.18
CA GLY B 51 -4.39 6.42 -9.77
C GLY B 51 -5.62 7.27 -9.47
N PHE B 52 -5.54 8.00 -8.34
CA PHE B 52 -6.61 8.91 -7.92
C PHE B 52 -6.39 10.33 -8.47
N GLY B 53 -5.39 10.49 -9.35
CA GLY B 53 -5.12 11.80 -9.97
C GLY B 53 -4.11 12.66 -9.23
N PHE B 54 -3.47 12.17 -8.18
N PHE B 54 -3.55 12.14 -8.14
CA PHE B 54 -2.71 13.17 -7.42
CA PHE B 54 -2.61 12.85 -7.27
C PHE B 54 -1.35 13.51 -8.05
C PHE B 54 -1.46 13.45 -8.08
N PHE B 55 -0.71 12.59 -8.76
CA PHE B 55 0.43 13.04 -9.53
C PHE B 55 0.02 14.05 -10.61
N GLY B 56 -1.11 13.76 -11.28
CA GLY B 56 -1.63 14.69 -12.31
C GLY B 56 -1.91 16.07 -11.73
N ARG B 57 -2.39 16.10 -10.48
CA ARG B 57 -2.65 17.38 -9.85
C ARG B 57 -1.36 18.16 -9.61
N GLU B 58 -0.28 17.46 -9.32
CA GLU B 58 1.01 18.13 -9.12
C GLU B 58 1.57 18.60 -10.46
N ILE B 59 1.40 17.79 -11.52
N ILE B 59 1.42 17.79 -11.53
CA ILE B 59 1.79 18.21 -12.87
CA ILE B 59 1.85 18.24 -12.86
C ILE B 59 1.06 19.48 -13.26
C ILE B 59 1.08 19.50 -13.25
N TYR B 60 -0.23 19.53 -12.97
CA TYR B 60 -1.01 20.77 -13.20
C TYR B 60 -0.48 21.96 -12.38
N ARG B 61 -0.19 21.73 -11.10
CA ARG B 61 0.34 22.80 -10.26
C ARG B 61 1.66 23.36 -10.81
N ARG B 62 2.46 22.51 -11.41
CA ARG B 62 3.74 22.90 -12.01
C ARG B 62 3.60 23.54 -13.39
N GLY B 63 2.37 23.69 -13.90
CA GLY B 63 2.18 24.58 -15.04
C GLY B 63 1.64 23.91 -16.28
N ALA B 64 1.29 22.64 -16.26
CA ALA B 64 0.72 22.01 -17.45
C ALA B 64 -0.55 22.72 -17.88
N ALA B 65 -0.75 22.80 -19.19
CA ALA B 65 -1.97 23.41 -19.68
C ALA B 65 -3.19 22.56 -19.49
N LYS B 66 -3.04 21.25 -19.62
CA LYS B 66 -4.16 20.32 -19.59
C LYS B 66 -3.64 19.00 -19.12
N VAL B 67 -4.35 18.38 -18.19
CA VAL B 67 -3.96 17.09 -17.67
C VAL B 67 -5.15 16.17 -17.77
N VAL B 68 -4.97 15.01 -18.41
CA VAL B 68 -6.04 14.01 -18.52
C VAL B 68 -5.51 12.72 -17.91
N GLY B 69 -6.29 12.08 -17.05
CA GLY B 69 -5.87 10.84 -16.39
C GLY B 69 -6.67 9.64 -16.87
N VAL B 70 -6.00 8.49 -17.03
CA VAL B 70 -6.66 7.24 -17.38
C VAL B 70 -6.21 6.19 -16.38
N ASP B 71 -7.17 5.34 -15.95
N ASP B 71 -7.14 5.33 -15.94
CA ASP B 71 -6.86 4.23 -15.07
CA ASP B 71 -6.69 4.15 -15.23
C ASP B 71 -7.77 3.05 -15.40
C ASP B 71 -7.74 3.06 -15.39
N ILE B 72 -7.39 1.87 -14.89
CA ILE B 72 -8.19 0.68 -15.16
C ILE B 72 -9.39 0.52 -14.24
N SER B 73 -9.42 1.19 -13.07
CA SER B 73 -10.42 0.96 -12.05
C SER B 73 -11.43 2.08 -12.06
N GLU B 74 -12.70 1.78 -12.40
CA GLU B 74 -13.70 2.82 -12.37
C GLU B 74 -13.94 3.33 -10.94
N LYS B 75 -13.83 2.46 -9.94
CA LYS B 75 -13.98 2.93 -8.56
C LYS B 75 -12.93 4.00 -8.26
N MET B 76 -11.69 3.80 -8.72
N MET B 76 -11.69 3.78 -8.70
CA MET B 76 -10.65 4.81 -8.49
CA MET B 76 -10.64 4.78 -8.51
C MET B 76 -10.91 6.07 -9.31
C MET B 76 -10.90 6.05 -9.30
N ILE B 77 -11.36 5.92 -10.56
CA ILE B 77 -11.58 7.08 -11.40
C ILE B 77 -12.73 7.90 -10.85
N GLU B 78 -13.77 7.23 -10.31
CA GLU B 78 -14.85 8.00 -9.70
C GLU B 78 -14.34 8.80 -8.49
N LEU B 79 -13.48 8.19 -7.68
CA LEU B 79 -12.87 8.91 -6.57
C LEU B 79 -11.96 10.06 -7.05
N ALA B 80 -11.24 9.85 -8.15
CA ALA B 80 -10.41 10.90 -8.75
C ALA B 80 -11.24 12.08 -9.15
N ARG B 81 -12.37 11.82 -9.83
CA ARG B 81 -13.24 12.90 -10.26
C ARG B 81 -13.76 13.67 -9.06
N GLU B 82 -14.09 12.97 -7.96
CA GLU B 82 -14.61 13.67 -6.80
C GLU B 82 -13.54 14.54 -6.16
N GLU B 83 -12.26 14.07 -6.17
CA GLU B 83 -11.20 14.91 -5.64
C GLU B 83 -11.04 16.17 -6.47
N SER B 84 -11.15 16.06 -7.80
CA SER B 84 -11.06 17.27 -8.64
C SER B 84 -12.21 18.23 -8.36
N ARG B 85 -13.41 17.70 -8.08
N ARG B 85 -13.42 17.69 -8.10
CA ARG B 85 -14.51 18.60 -7.78
CA ARG B 85 -14.54 18.56 -7.77
C ARG B 85 -14.25 19.34 -6.46
C ARG B 85 -14.27 19.33 -6.47
N LYS B 86 -13.72 18.63 -5.47
CA LYS B 86 -13.46 19.32 -4.21
C LYS B 86 -12.32 20.31 -4.26
N TYR B 87 -11.26 20.02 -5.02
CA TYR B 87 -10.14 20.96 -5.11
C TYR B 87 -10.40 22.04 -6.17
N GLY B 88 -11.39 21.83 -7.06
CA GLY B 88 -11.63 22.79 -8.14
C GLY B 88 -10.63 22.76 -9.28
N ASP B 89 -9.81 21.72 -9.39
CA ASP B 89 -8.86 21.66 -10.48
C ASP B 89 -9.54 21.13 -11.75
N PRO B 90 -8.91 21.37 -12.91
CA PRO B 90 -9.55 21.03 -14.18
C PRO B 90 -9.19 19.66 -14.76
N LEU B 91 -8.73 18.74 -13.92
CA LEU B 91 -8.32 17.47 -14.48
C LEU B 91 -9.55 16.71 -15.01
N GLU B 92 -9.36 15.94 -16.10
CA GLU B 92 -10.40 15.12 -16.68
C GLU B 92 -9.92 13.68 -16.59
N PHE B 93 -10.82 12.73 -16.38
CA PHE B 93 -10.46 11.36 -16.14
C PHE B 93 -11.29 10.41 -17.01
N HIS B 94 -10.69 9.24 -17.31
CA HIS B 94 -11.37 8.18 -18.07
C HIS B 94 -10.97 6.79 -17.58
N VAL B 95 -11.92 5.86 -17.54
CA VAL B 95 -11.63 4.45 -17.27
C VAL B 95 -11.34 3.79 -18.62
N ARG B 96 -10.14 3.19 -18.77
CA ARG B 96 -9.82 2.49 -20.00
C ARG B 96 -8.96 1.27 -19.70
N ASP B 97 -9.08 0.27 -20.58
CA ASP B 97 -8.07 -0.79 -20.76
C ASP B 97 -7.04 -0.25 -21.77
N VAL B 98 -5.92 0.28 -21.26
CA VAL B 98 -5.05 1.10 -22.11
C VAL B 98 -4.58 0.29 -23.32
N ALA B 99 -4.30 -1.00 -23.15
CA ALA B 99 -3.79 -1.75 -24.29
C ALA B 99 -4.76 -1.75 -25.45
N ASN B 100 -6.05 -1.52 -25.19
CA ASN B 100 -7.09 -1.54 -26.23
C ASN B 100 -7.82 -0.21 -26.41
N MET B 101 -7.25 0.90 -25.96
CA MET B 101 -8.09 2.08 -25.96
C MET B 101 -7.96 2.85 -27.26
N GLU B 102 -9.00 3.61 -27.58
N GLU B 102 -8.99 3.61 -27.57
CA GLU B 102 -8.93 4.53 -28.71
CA GLU B 102 -8.92 4.53 -28.70
C GLU B 102 -8.26 5.83 -28.28
C GLU B 102 -8.19 5.80 -28.26
N PRO B 103 -7.69 6.58 -29.21
CA PRO B 103 -6.98 7.80 -28.82
C PRO B 103 -7.88 8.80 -28.13
N LEU B 104 -7.28 9.51 -27.20
CA LEU B 104 -7.95 10.54 -26.46
C LEU B 104 -7.54 11.92 -26.92
N GLY B 105 -6.67 12.00 -27.91
CA GLY B 105 -6.12 13.26 -28.35
C GLY B 105 -4.64 13.14 -28.54
N GLN B 106 -4.05 14.24 -29.03
CA GLN B 106 -2.62 14.30 -29.33
C GLN B 106 -1.95 15.19 -28.28
N PHE B 107 -1.16 14.60 -27.41
CA PHE B 107 -0.58 15.27 -26.24
C PHE B 107 0.89 15.58 -26.47
N ASP B 108 1.38 16.59 -25.71
CA ASP B 108 2.83 16.86 -25.68
C ASP B 108 3.56 15.79 -24.88
N LEU B 109 2.95 15.28 -23.83
CA LEU B 109 3.61 14.36 -22.89
C LEU B 109 2.64 13.26 -22.56
N VAL B 110 3.12 12.01 -22.58
CA VAL B 110 2.39 10.92 -21.94
C VAL B 110 3.23 10.50 -20.76
N ASN B 111 2.65 10.42 -19.59
CA ASN B 111 3.33 9.89 -18.41
C ASN B 111 2.74 8.52 -18.09
N ALA B 112 3.59 7.53 -17.83
CA ALA B 112 3.08 6.17 -17.60
C ALA B 112 3.86 5.55 -16.45
N ALA B 113 3.45 5.81 -15.21
CA ALA B 113 4.09 5.22 -14.04
C ALA B 113 3.31 3.99 -13.64
N TRP B 114 3.98 2.81 -13.68
CA TRP B 114 3.39 1.54 -13.23
C TRP B 114 2.21 1.16 -14.14
N LEU B 115 2.42 1.41 -15.45
CA LEU B 115 1.54 0.89 -16.50
C LEU B 115 2.06 -0.40 -17.15
N PHE B 116 3.29 -0.36 -17.66
CA PHE B 116 3.74 -1.43 -18.53
C PHE B 116 3.99 -2.73 -17.78
N ASN B 117 4.29 -2.66 -16.48
CA ASN B 117 4.49 -3.90 -15.74
C ASN B 117 3.17 -4.56 -15.35
N TYR B 118 2.04 -4.04 -15.81
CA TYR B 118 0.77 -4.70 -15.63
C TYR B 118 0.25 -5.28 -16.94
N ALA B 119 1.04 -5.19 -18.01
CA ALA B 119 0.70 -5.93 -19.21
C ALA B 119 0.96 -7.42 -18.94
N ASP B 120 -0.04 -8.30 -19.11
CA ASP B 120 0.19 -9.69 -18.75
C ASP B 120 0.76 -10.55 -19.89
N SER B 121 1.16 -9.93 -21.00
CA SER B 121 1.75 -10.61 -22.13
C SER B 121 2.55 -9.59 -22.92
N VAL B 122 3.51 -10.10 -23.69
CA VAL B 122 4.27 -9.20 -24.57
C VAL B 122 3.37 -8.58 -25.63
N GLU B 123 2.38 -9.33 -26.14
CA GLU B 123 1.41 -8.75 -27.05
C GLU B 123 0.76 -7.52 -26.41
N ASN B 124 0.35 -7.63 -25.13
CA ASN B 124 -0.29 -6.44 -24.51
C ASN B 124 0.73 -5.33 -24.29
N LEU B 125 1.98 -5.68 -23.99
CA LEU B 125 3.01 -4.66 -23.80
C LEU B 125 3.21 -3.87 -25.08
N ARG B 126 3.28 -4.59 -26.20
CA ARG B 126 3.42 -3.98 -27.52
C ARG B 126 2.23 -3.09 -27.85
N LYS B 127 1.03 -3.56 -27.53
CA LYS B 127 -0.16 -2.75 -27.80
C LYS B 127 -0.12 -1.46 -27.00
N MET B 128 0.30 -1.53 -25.73
CA MET B 128 0.37 -0.30 -24.91
C MET B 128 1.28 0.72 -25.55
N PHE B 129 2.45 0.30 -26.00
CA PHE B 129 3.35 1.27 -26.61
C PHE B 129 2.77 1.89 -27.87
N LYS B 130 2.06 1.10 -28.68
CA LYS B 130 1.42 1.68 -29.88
C LYS B 130 0.34 2.70 -29.46
N VAL B 131 -0.40 2.41 -28.38
CA VAL B 131 -1.43 3.35 -27.90
C VAL B 131 -0.76 4.65 -27.44
N VAL B 132 0.40 4.55 -26.77
CA VAL B 132 1.12 5.77 -26.40
C VAL B 132 1.46 6.58 -27.63
N ARG B 133 2.02 5.93 -28.66
CA ARG B 133 2.42 6.68 -29.85
C ARG B 133 1.20 7.34 -30.47
N ALA B 134 0.07 6.65 -30.45
CA ALA B 134 -1.13 7.19 -31.09
C ALA B 134 -1.72 8.38 -30.34
N SER B 135 -1.23 8.62 -29.13
CA SER B 135 -1.64 9.71 -28.27
C SER B 135 -0.68 10.88 -28.23
N LEU B 136 0.42 10.85 -29.01
CA LEU B 136 1.53 11.79 -28.87
C LEU B 136 1.68 12.61 -30.15
N LYS B 137 1.89 13.91 -29.98
CA LYS B 137 2.33 14.77 -31.10
C LYS B 137 3.69 14.25 -31.60
N PRO B 138 4.03 14.52 -32.86
CA PRO B 138 5.29 14.04 -33.40
C PRO B 138 6.53 14.56 -32.67
N ASP B 139 6.43 15.70 -31.98
CA ASP B 139 7.51 16.23 -31.15
C ASP B 139 7.25 16.02 -29.66
N GLY B 140 6.35 15.11 -29.31
CA GLY B 140 6.10 14.78 -27.90
C GLY B 140 7.05 13.71 -27.34
N LYS B 141 6.75 13.29 -26.12
CA LYS B 141 7.57 12.23 -25.52
C LYS B 141 6.75 11.46 -24.51
N LEU B 142 7.22 10.22 -24.31
CA LEU B 142 6.72 9.32 -23.25
C LEU B 142 7.72 9.33 -22.10
N VAL B 143 7.22 9.54 -20.89
CA VAL B 143 8.01 9.31 -19.68
C VAL B 143 7.36 8.18 -18.93
N ALA B 144 8.14 7.14 -18.61
CA ALA B 144 7.55 6.00 -17.96
C ALA B 144 8.40 5.54 -16.76
N TYR B 145 7.73 4.80 -15.91
CA TYR B 145 8.38 4.21 -14.70
C TYR B 145 7.88 2.78 -14.62
N THR B 146 8.83 1.83 -14.62
CA THR B 146 8.39 0.44 -14.69
C THR B 146 9.38 -0.41 -13.93
N VAL B 147 9.18 -1.73 -14.00
CA VAL B 147 10.11 -2.68 -13.37
C VAL B 147 11.38 -2.77 -14.19
N ASP B 148 12.54 -2.71 -13.52
CA ASP B 148 13.80 -2.92 -14.23
C ASP B 148 13.93 -4.38 -14.66
N PRO B 149 14.09 -4.69 -15.96
CA PRO B 149 14.25 -6.08 -16.41
C PRO B 149 15.31 -6.86 -15.63
N ASP B 150 16.33 -6.17 -15.14
CA ASP B 150 17.44 -6.85 -14.48
C ASP B 150 17.18 -7.18 -13.01
N PHE B 151 16.07 -6.74 -12.42
CA PHE B 151 15.77 -7.18 -11.04
C PHE B 151 15.77 -8.71 -10.91
N SER B 152 16.39 -9.19 -9.81
CA SER B 152 16.42 -10.63 -9.52
C SER B 152 16.07 -10.85 -8.06
N LEU B 153 15.01 -11.61 -7.79
CA LEU B 153 14.59 -11.78 -6.40
C LEU B 153 15.71 -12.36 -5.55
N ALA B 154 16.49 -13.28 -6.11
CA ALA B 154 17.57 -13.89 -5.33
C ALA B 154 18.63 -12.88 -4.90
N LYS B 155 18.74 -11.73 -5.58
CA LYS B 155 19.76 -10.73 -5.26
C LYS B 155 19.27 -9.72 -4.21
N GLY B 156 18.05 -9.90 -3.69
CA GLY B 156 17.64 -9.06 -2.59
C GLY B 156 16.19 -8.63 -2.74
N ASN B 157 15.41 -8.80 -1.69
CA ASN B 157 14.02 -8.40 -1.70
C ASN B 157 13.96 -6.88 -1.48
N PHE B 158 12.79 -6.31 -1.73
CA PHE B 158 12.61 -4.86 -1.62
C PHE B 158 11.85 -4.44 -0.37
N ALA B 159 11.91 -5.26 0.67
CA ALA B 159 11.13 -5.01 1.87
C ALA B 159 11.57 -3.74 2.61
N LYS B 160 12.88 -3.43 2.66
CA LYS B 160 13.31 -2.15 3.23
C LYS B 160 12.60 -0.95 2.60
N TYR B 161 12.19 -1.07 1.34
CA TYR B 161 11.61 -0.03 0.50
C TYR B 161 10.13 -0.27 0.32
N GLY B 162 9.56 -1.01 1.28
CA GLY B 162 8.13 -1.15 1.44
C GLY B 162 7.47 -2.14 0.51
N VAL B 163 8.24 -3.01 -0.16
CA VAL B 163 7.69 -3.93 -1.16
C VAL B 163 8.28 -5.31 -0.91
N ASN B 164 7.51 -6.20 -0.29
CA ASN B 164 7.94 -7.57 -0.04
C ASN B 164 7.61 -8.44 -1.26
N VAL B 165 8.58 -8.65 -2.17
CA VAL B 165 8.35 -9.49 -3.33
C VAL B 165 8.39 -10.94 -2.87
N LEU B 166 7.26 -11.67 -3.05
CA LEU B 166 7.08 -12.99 -2.43
C LEU B 166 7.63 -14.10 -3.31
N ASN B 167 7.63 -13.91 -4.63
CA ASN B 167 8.01 -15.01 -5.52
C ASN B 167 8.40 -14.45 -6.89
N GLU B 168 8.85 -15.37 -7.75
CA GLU B 168 9.38 -15.04 -9.07
C GLU B 168 9.19 -16.29 -9.92
N ARG B 169 8.33 -16.23 -10.93
CA ARG B 169 8.18 -17.39 -11.76
C ARG B 169 8.24 -17.02 -13.24
N ALA B 170 8.78 -17.93 -14.02
CA ALA B 170 8.85 -17.73 -15.45
C ALA B 170 7.43 -17.58 -15.99
N TRP B 171 7.25 -16.61 -16.88
CA TRP B 171 5.91 -16.24 -17.33
C TRP B 171 6.08 -15.92 -18.81
N GLY B 172 5.92 -16.93 -19.67
CA GLY B 172 6.23 -16.74 -21.07
C GLY B 172 7.68 -16.35 -21.17
N PRO B 173 8.00 -15.29 -21.93
CA PRO B 173 9.38 -14.82 -22.00
C PRO B 173 9.81 -13.83 -20.93
N GLY B 174 9.00 -13.59 -19.90
CA GLY B 174 9.41 -12.72 -18.82
C GLY B 174 9.20 -13.49 -17.53
N TYR B 175 8.92 -12.74 -16.47
CA TYR B 175 8.71 -13.31 -15.12
C TYR B 175 7.51 -12.62 -14.51
N ARG B 176 6.83 -13.34 -13.63
CA ARG B 176 5.70 -12.82 -12.87
C ARG B 176 6.07 -12.81 -11.40
N HIS B 177 5.67 -11.73 -10.69
CA HIS B 177 5.95 -11.58 -9.25
C HIS B 177 4.65 -11.29 -8.50
N ASP B 178 4.42 -12.01 -7.40
CA ASP B 178 3.48 -11.57 -6.37
C ASP B 178 4.21 -10.76 -5.30
N ALA B 179 3.54 -9.71 -4.76
CA ALA B 179 4.22 -8.88 -3.77
C ALA B 179 3.23 -8.43 -2.71
N GLU B 180 3.75 -8.23 -1.51
CA GLU B 180 3.05 -7.60 -0.36
C GLU B 180 3.53 -6.15 -0.24
N PHE B 181 2.59 -5.20 -0.32
CA PHE B 181 2.92 -3.82 0.02
C PHE B 181 2.90 -3.62 1.53
N VAL B 182 3.74 -2.69 2.07
CA VAL B 182 3.72 -2.31 3.51
C VAL B 182 2.59 -1.35 3.89
N THR B 183 1.39 -1.85 3.87
CA THR B 183 0.23 -1.03 4.15
C THR B 183 -0.49 -1.60 5.37
N ASP B 184 -1.46 -0.86 5.91
CA ASP B 184 -2.35 -1.32 7.01
C ASP B 184 -3.81 -1.45 6.63
N PRO B 185 -4.32 -2.63 6.36
CA PRO B 185 -3.66 -3.95 6.34
C PRO B 185 -2.81 -4.21 5.12
N PRO B 186 -2.06 -5.32 5.17
CA PRO B 186 -1.29 -5.77 4.02
C PRO B 186 -2.12 -5.86 2.75
N SER B 187 -1.51 -5.52 1.63
N SER B 187 -1.54 -5.45 1.65
CA SER B 187 -2.18 -5.53 0.35
CA SER B 187 -2.20 -5.55 0.36
C SER B 187 -1.33 -6.30 -0.67
C SER B 187 -1.35 -6.38 -0.58
N GLN B 188 -2.01 -6.99 -1.57
CA GLN B 188 -1.37 -7.88 -2.53
C GLN B 188 -1.45 -7.33 -3.93
N PHE B 189 -0.45 -7.65 -4.72
CA PHE B 189 -0.64 -7.38 -6.12
C PHE B 189 0.40 -8.17 -6.87
N SER B 190 0.16 -8.26 -8.15
CA SER B 190 0.93 -9.15 -9.00
C SER B 190 1.31 -8.36 -10.23
N PHE B 191 2.58 -8.50 -10.62
CA PHE B 191 3.10 -7.71 -11.77
C PHE B 191 4.10 -8.52 -12.58
N TYR B 192 4.47 -7.93 -13.73
CA TYR B 192 5.25 -8.65 -14.75
C TYR B 192 6.55 -7.93 -15.00
N ARG B 193 7.61 -8.73 -15.12
CA ARG B 193 8.95 -8.24 -15.45
C ARG B 193 9.28 -8.74 -16.84
N TRP B 194 9.07 -7.88 -17.83
CA TRP B 194 9.43 -8.19 -19.22
C TRP B 194 10.87 -7.80 -19.49
N SER B 195 11.46 -8.51 -20.45
CA SER B 195 12.87 -8.32 -20.76
C SER B 195 13.16 -6.94 -21.39
N ARG B 196 14.41 -6.52 -21.27
CA ARG B 196 14.83 -5.28 -21.94
C ARG B 196 14.63 -5.37 -23.46
N ALA B 197 14.93 -6.52 -24.05
CA ALA B 197 14.77 -6.68 -25.51
C ALA B 197 13.29 -6.59 -25.89
N ASP B 198 12.40 -7.16 -25.09
CA ASP B 198 10.96 -7.08 -25.40
C ASP B 198 10.47 -5.64 -25.29
N TYR B 199 10.92 -4.93 -24.26
CA TYR B 199 10.58 -3.51 -24.21
C TYR B 199 11.09 -2.78 -25.44
N GLU B 200 12.36 -2.98 -25.78
CA GLU B 200 12.97 -2.19 -26.86
C GLU B 200 12.33 -2.50 -28.20
N SER B 201 11.95 -3.75 -28.42
CA SER B 201 11.24 -4.06 -29.65
C SER B 201 9.83 -3.40 -29.64
N ALA B 202 9.14 -3.43 -28.50
CA ALA B 202 7.84 -2.74 -28.37
C ALA B 202 7.98 -1.25 -28.69
N ILE B 203 9.02 -0.62 -28.14
CA ILE B 203 9.28 0.81 -28.36
C ILE B 203 9.51 1.10 -29.83
N ALA B 204 10.43 0.35 -30.46
CA ALA B 204 10.76 0.61 -31.86
C ALA B 204 9.60 0.31 -32.78
N ASP B 205 8.83 -0.75 -32.50
CA ASP B 205 7.78 -1.11 -33.45
C ASP B 205 6.56 -0.23 -33.27
N ALA B 206 6.46 0.48 -32.14
CA ALA B 206 5.45 1.51 -31.96
C ALA B 206 5.83 2.81 -32.66
N GLY B 207 7.04 2.90 -33.19
CA GLY B 207 7.46 4.11 -33.91
C GLY B 207 8.23 5.11 -33.08
N PHE B 208 8.78 4.68 -31.96
CA PHE B 208 9.72 5.49 -31.19
C PHE B 208 11.13 5.20 -31.64
N SER B 209 11.73 6.14 -32.38
CA SER B 209 13.09 5.91 -32.84
C SER B 209 14.14 6.33 -31.82
N HIS B 210 13.73 6.84 -30.64
CA HIS B 210 14.66 7.20 -29.58
C HIS B 210 14.15 6.71 -28.26
N PHE B 211 15.07 6.14 -27.47
CA PHE B 211 14.72 5.82 -26.10
C PHE B 211 15.95 5.90 -25.22
N GLU B 212 15.69 6.06 -23.93
CA GLU B 212 16.76 5.94 -22.94
C GLU B 212 16.19 5.41 -21.64
N TRP B 213 16.94 4.48 -21.05
CA TRP B 213 16.60 3.99 -19.72
C TRP B 213 17.23 4.94 -18.72
N GLN B 214 16.52 5.19 -17.63
CA GLN B 214 16.93 6.17 -16.63
C GLN B 214 17.02 5.51 -15.27
N LYS B 215 18.21 5.52 -14.69
CA LYS B 215 18.40 5.00 -13.35
C LYS B 215 17.68 5.87 -12.31
N PRO B 216 17.06 5.28 -11.30
CA PRO B 216 16.46 6.09 -10.24
C PRO B 216 17.54 6.96 -9.60
N LEU B 217 17.17 8.19 -9.31
CA LEU B 217 18.12 9.21 -8.83
C LEU B 217 18.23 9.12 -7.32
N LEU B 218 19.02 8.15 -6.84
CA LEU B 218 19.39 8.09 -5.43
C LEU B 218 20.48 9.14 -5.17
N GLU B 219 20.23 10.04 -4.20
CA GLU B 219 21.11 11.19 -3.96
C GLU B 219 21.72 11.20 -2.57
N ALA B 220 22.74 12.03 -2.40
CA ALA B 220 23.46 12.10 -1.13
C ALA B 220 22.52 12.29 0.07
N ASP B 221 21.50 13.14 -0.07
CA ASP B 221 20.64 13.37 1.10
C ASP B 221 19.80 12.14 1.43
N ASP B 222 19.37 11.34 0.44
CA ASP B 222 18.72 10.06 0.70
C ASP B 222 19.64 9.14 1.51
N ILE B 223 20.92 9.11 1.14
CA ILE B 223 21.85 8.21 1.79
C ILE B 223 22.13 8.65 3.21
N ALA B 224 22.18 9.95 3.43
CA ALA B 224 22.59 10.49 4.73
C ALA B 224 21.47 10.33 5.74
N THR B 225 20.22 10.17 5.30
CA THR B 225 19.08 10.17 6.22
C THR B 225 18.55 8.77 6.48
N HIS B 226 19.28 7.73 6.11
CA HIS B 226 18.93 6.38 6.48
C HIS B 226 20.17 5.69 7.02
N PRO B 227 20.01 4.60 7.77
CA PRO B 227 21.15 3.90 8.30
C PRO B 227 22.11 3.41 7.23
N PRO B 228 23.37 3.23 7.59
CA PRO B 228 24.33 2.66 6.64
C PRO B 228 23.85 1.32 6.09
N GLY B 229 24.06 1.16 4.78
CA GLY B 229 23.64 0.01 4.01
C GLY B 229 22.18 -0.02 3.64
N PHE B 230 21.39 0.94 4.09
CA PHE B 230 19.95 0.89 3.84
C PHE B 230 19.67 0.74 2.35
N TRP B 231 20.42 1.46 1.50
CA TRP B 231 20.13 1.49 0.08
C TRP B 231 20.90 0.46 -0.74
N ASP B 232 21.62 -0.47 -0.11
CA ASP B 232 22.46 -1.41 -0.87
C ASP B 232 21.64 -2.17 -1.90
N VAL B 233 20.54 -2.78 -1.48
CA VAL B 233 19.75 -3.57 -2.42
C VAL B 233 19.12 -2.67 -3.46
N PHE B 234 18.68 -1.46 -3.07
CA PHE B 234 18.16 -0.53 -4.06
C PHE B 234 19.16 -0.22 -5.15
N GLN B 235 20.44 -0.05 -4.78
N GLN B 235 20.44 -0.03 -4.77
CA GLN B 235 21.48 0.29 -5.75
CA GLN B 235 21.48 0.25 -5.76
C GLN B 235 21.97 -0.92 -6.54
C GLN B 235 21.83 -0.98 -6.59
N ASN B 236 22.07 -2.11 -5.91
CA ASN B 236 22.65 -3.27 -6.58
C ASN B 236 21.62 -4.14 -7.30
N ASN B 237 20.34 -4.03 -6.94
CA ASN B 237 19.30 -4.89 -7.47
C ASN B 237 18.00 -4.08 -7.55
N CYS B 238 18.00 -2.95 -8.26
CA CYS B 238 16.86 -2.07 -8.22
C CYS B 238 15.66 -2.71 -8.89
N LEU B 239 14.49 -2.57 -8.26
CA LEU B 239 13.26 -3.04 -8.81
C LEU B 239 12.71 -2.09 -9.87
N GLN B 240 13.10 -0.85 -9.83
N GLN B 240 13.02 -0.82 -9.80
CA GLN B 240 12.49 0.21 -10.62
CA GLN B 240 12.37 0.19 -10.65
C GLN B 240 13.45 0.73 -11.68
C GLN B 240 13.38 0.82 -11.60
N THR B 241 12.85 1.27 -12.76
CA THR B 241 13.63 2.05 -13.73
C THR B 241 12.71 3.07 -14.38
N GLY B 242 13.31 4.18 -14.73
CA GLY B 242 12.63 5.14 -15.61
C GLY B 242 12.95 4.80 -17.05
N LEU B 243 12.16 5.39 -17.97
CA LEU B 243 12.29 5.17 -19.41
C LEU B 243 11.73 6.40 -20.10
N VAL B 244 12.46 6.93 -21.07
CA VAL B 244 11.94 8.04 -21.89
C VAL B 244 11.97 7.61 -23.34
N CYS B 245 10.88 7.84 -24.09
CA CYS B 245 10.84 7.51 -25.51
C CYS B 245 10.35 8.72 -26.30
N LYS B 246 10.91 8.90 -27.50
CA LYS B 246 10.44 9.96 -28.38
C LYS B 246 10.27 9.41 -29.78
N PRO B 247 9.30 9.91 -30.55
CA PRO B 247 9.16 9.50 -31.96
C PRO B 247 10.49 9.71 -32.72
#